data_8U8W
#
_entry.id   8U8W
#
_cell.length_a   97.413
_cell.length_b   97.413
_cell.length_c   205.512
_cell.angle_alpha   90.00
_cell.angle_beta   90.00
_cell.angle_gamma   120.00
#
_symmetry.space_group_name_H-M   'P 62 2 2'
#
loop_
_entity.id
_entity.type
_entity.pdbx_description
1 polymer 'N-acetylneuraminate lyase'
2 non-polymer 'SODIUM ION'
3 non-polymer 'CHLORIDE ION'
4 non-polymer 'IODIDE ION'
5 non-polymer 'PYRUVIC ACID'
6 non-polymer GLYCEROL
7 water water
#
_entity_poly.entity_id   1
_entity_poly.type   'polypeptide(L)'
_entity_poly.pdbx_seq_one_letter_code
;MAHHHHHHMVSHLRGVMPALLTPFDAQQNIDRASLRRLVRFNIEQGVDGVYVGGSTGEAFVQSLSEREEVLEIVAEEAKG
KITLIAHVGCVSTAESQQLAAAAKRYGFDAVSAVTPFYYPFSFEEHCDHYRAIIDSADGIPMVVYNIPALSGVKLTLEQI
NQLVTLPGVGALKQTSGDLYQMEQIRRAHPELVLYNGYDEIFASGLLAGADGGIGSTYNIMAWRYLGIVQALKEGDTAKA
QQLQHECNKVIDLLVKVGVFRGLKTVLHYMDVLSVPLCRKPFAPVEDKFQAELKALAQQLMQERG
;
_entity_poly.pdbx_strand_id   A
#
loop_
_chem_comp.id
_chem_comp.type
_chem_comp.name
_chem_comp.formula
CL non-polymer 'CHLORIDE ION' 'Cl -1'
GOL non-polymer GLYCEROL 'C3 H8 O3'
IOD non-polymer 'IODIDE ION' 'I -1'
NA non-polymer 'SODIUM ION' 'Na 1'
PYR non-polymer 'PYRUVIC ACID' 'C3 H4 O3'
#
# COMPACT_ATOMS: atom_id res chain seq x y z
N HIS A 8 14.28 1.46 -15.74
CA HIS A 8 13.63 0.68 -16.84
C HIS A 8 13.46 -0.81 -16.49
N MET A 9 14.55 -1.48 -16.07
CA MET A 9 14.56 -2.92 -15.79
C MET A 9 13.67 -3.34 -14.60
N VAL A 10 12.91 -2.44 -13.99
CA VAL A 10 11.97 -2.78 -12.94
C VAL A 10 10.54 -2.46 -13.35
N SER A 11 10.30 -2.38 -14.67
CA SER A 11 8.95 -2.12 -15.18
C SER A 11 7.95 -3.16 -14.67
N HIS A 12 8.42 -4.36 -14.34
CA HIS A 12 7.52 -5.38 -13.79
C HIS A 12 6.91 -4.98 -12.45
N LEU A 13 7.38 -3.89 -11.84
CA LEU A 13 6.78 -3.39 -10.61
C LEU A 13 5.61 -2.45 -10.85
N ARG A 14 5.39 -1.98 -12.08
CA ARG A 14 4.32 -1.01 -12.32
C ARG A 14 2.96 -1.67 -12.14
N GLY A 15 2.01 -0.93 -11.60
CA GLY A 15 0.65 -1.40 -11.60
C GLY A 15 -0.10 -1.03 -10.33
N VAL A 16 -1.20 -1.75 -10.15
CA VAL A 16 -2.20 -1.49 -9.12
C VAL A 16 -2.08 -2.60 -8.08
N MET A 17 -1.65 -2.23 -6.86
CA MET A 17 -1.42 -3.22 -5.80
C MET A 17 -2.13 -2.82 -4.49
N PRO A 18 -3.01 -3.65 -3.97
CA PRO A 18 -3.56 -3.35 -2.63
C PRO A 18 -2.49 -3.33 -1.55
N ALA A 19 -2.63 -2.39 -0.63
CA ALA A 19 -1.88 -2.40 0.62
C ALA A 19 -2.61 -3.37 1.54
N LEU A 20 -2.04 -4.55 1.72
CA LEU A 20 -2.75 -5.61 2.39
C LEU A 20 -3.05 -5.25 3.84
N LEU A 21 -4.30 -5.51 4.26
CA LEU A 21 -4.65 -5.46 5.68
C LEU A 21 -4.14 -6.71 6.37
N THR A 22 -3.84 -6.61 7.67
CA THR A 22 -3.46 -7.80 8.44
C THR A 22 -4.65 -8.25 9.27
N PRO A 23 -5.29 -9.39 8.96
CA PRO A 23 -6.44 -9.83 9.74
C PRO A 23 -6.03 -10.31 11.12
N PHE A 24 -6.82 -9.93 12.10
CA PHE A 24 -6.63 -10.36 13.48
C PHE A 24 -7.83 -11.18 13.90
N ASP A 25 -7.62 -12.04 14.89
CA ASP A 25 -8.69 -12.87 15.40
C ASP A 25 -9.36 -12.10 16.53
N ALA A 26 -10.25 -12.76 17.26
CA ALA A 26 -11.04 -12.06 18.27
C ALA A 26 -10.20 -11.57 19.46
N GLN A 27 -9.01 -12.14 19.69
CA GLN A 27 -8.12 -11.79 20.79
C GLN A 27 -6.92 -10.93 20.34
N GLN A 28 -6.99 -10.38 19.15
CA GLN A 28 -6.00 -9.50 18.52
CA GLN A 28 -5.99 -9.48 18.55
C GLN A 28 -4.76 -10.24 18.05
N ASN A 29 -4.80 -11.58 17.99
CA ASN A 29 -3.72 -12.33 17.37
C ASN A 29 -3.93 -12.39 15.86
N ILE A 30 -2.84 -12.56 15.11
CA ILE A 30 -2.95 -12.73 13.67
C ILE A 30 -3.89 -13.89 13.38
N ASP A 31 -4.81 -13.68 12.43
CA ASP A 31 -5.73 -14.69 11.92
C ASP A 31 -5.11 -15.20 10.62
N ARG A 32 -4.37 -16.31 10.71
CA ARG A 32 -3.61 -16.78 9.56
C ARG A 32 -4.52 -17.31 8.44
N ALA A 33 -5.61 -18.00 8.80
CA ALA A 33 -6.53 -18.51 7.79
C ALA A 33 -7.17 -17.37 7.01
N SER A 34 -7.62 -16.33 7.70
CA SER A 34 -8.22 -15.18 6.99
C SER A 34 -7.17 -14.41 6.19
N LEU A 35 -5.93 -14.31 6.67
CA LEU A 35 -4.88 -13.71 5.87
C LEU A 35 -4.72 -14.44 4.53
N ARG A 36 -4.67 -15.77 4.57
CA ARG A 36 -4.49 -16.51 3.31
C ARG A 36 -5.68 -16.28 2.39
N ARG A 37 -6.89 -16.26 2.93
CA ARG A 37 -8.06 -16.00 2.09
C ARG A 37 -8.04 -14.58 1.52
N LEU A 38 -7.58 -13.59 2.29
CA LEU A 38 -7.49 -12.23 1.75
C LEU A 38 -6.50 -12.14 0.61
N VAL A 39 -5.34 -12.81 0.72
CA VAL A 39 -4.39 -12.83 -0.38
C VAL A 39 -5.04 -13.43 -1.62
N ARG A 40 -5.69 -14.58 -1.47
CA ARG A 40 -6.35 -15.24 -2.59
C ARG A 40 -7.43 -14.34 -3.20
N PHE A 41 -8.22 -13.68 -2.34
CA PHE A 41 -9.23 -12.74 -2.83
C PHE A 41 -8.62 -11.64 -3.69
N ASN A 42 -7.52 -11.06 -3.23
CA ASN A 42 -6.89 -9.99 -3.99
C ASN A 42 -6.31 -10.51 -5.29
N ILE A 43 -5.69 -11.71 -5.27
CA ILE A 43 -5.23 -12.28 -6.53
C ILE A 43 -6.38 -12.39 -7.52
N GLU A 44 -7.54 -12.87 -7.05
CA GLU A 44 -8.67 -13.10 -7.94
C GLU A 44 -9.37 -11.81 -8.35
N GLN A 45 -9.03 -10.69 -7.74
CA GLN A 45 -9.47 -9.40 -8.25
C GLN A 45 -8.66 -8.96 -9.48
N GLY A 46 -7.60 -9.66 -9.82
CA GLY A 46 -6.78 -9.28 -10.96
C GLY A 46 -5.77 -8.18 -10.70
N VAL A 47 -5.36 -7.98 -9.44
CA VAL A 47 -4.36 -6.97 -9.11
C VAL A 47 -3.00 -7.36 -9.68
N ASP A 48 -2.13 -6.37 -9.83
CA ASP A 48 -0.80 -6.58 -10.36
C ASP A 48 0.20 -7.03 -9.30
N GLY A 49 -0.14 -6.89 -8.03
CA GLY A 49 0.78 -7.20 -6.94
C GLY A 49 0.06 -6.95 -5.64
N VAL A 50 0.75 -7.30 -4.56
N VAL A 50 0.76 -7.24 -4.54
CA VAL A 50 0.27 -6.97 -3.21
CA VAL A 50 0.26 -7.00 -3.20
C VAL A 50 1.42 -6.33 -2.43
C VAL A 50 1.38 -6.43 -2.32
N TYR A 51 1.07 -5.37 -1.58
CA TYR A 51 2.01 -4.61 -0.76
C TYR A 51 1.75 -5.00 0.69
N VAL A 52 2.73 -5.67 1.30
CA VAL A 52 2.52 -6.39 2.54
C VAL A 52 3.24 -5.70 3.70
N GLY A 53 2.55 -5.57 4.82
CA GLY A 53 3.16 -5.04 6.02
C GLY A 53 3.36 -3.54 6.02
N GLY A 54 2.56 -2.81 5.27
CA GLY A 54 2.63 -1.36 5.23
C GLY A 54 1.83 -0.73 6.35
N SER A 55 1.64 0.60 6.22
CA SER A 55 0.76 1.33 7.15
C SER A 55 -0.57 0.61 7.29
N THR A 56 -1.19 0.30 6.15
CA THR A 56 -2.51 -0.31 6.12
C THR A 56 -2.50 -1.68 6.79
N GLY A 57 -1.36 -2.35 6.75
CA GLY A 57 -1.19 -3.64 7.37
C GLY A 57 -1.01 -3.58 8.86
N GLU A 58 -1.14 -2.39 9.45
CA GLU A 58 -0.99 -2.20 10.89
C GLU A 58 0.40 -2.64 11.36
N ALA A 59 1.39 -2.40 10.51
CA ALA A 59 2.76 -2.78 10.86
C ALA A 59 3.20 -2.19 12.19
N PHE A 60 2.82 -0.96 12.48
CA PHE A 60 3.42 -0.30 13.64
C PHE A 60 2.74 -0.63 14.97
N VAL A 61 1.79 -1.58 14.97
CA VAL A 61 1.30 -2.18 16.20
C VAL A 61 1.60 -3.69 16.21
N GLN A 62 2.59 -4.10 15.42
CA GLN A 62 3.07 -5.47 15.38
C GLN A 62 4.56 -5.55 15.71
N SER A 63 4.98 -6.69 16.27
CA SER A 63 6.38 -6.97 16.50
C SER A 63 7.06 -7.36 15.19
N LEU A 64 8.40 -7.39 15.22
CA LEU A 64 9.15 -7.89 14.07
C LEU A 64 8.76 -9.32 13.72
N SER A 65 8.64 -10.19 14.72
CA SER A 65 8.35 -11.59 14.40
C SER A 65 6.97 -11.73 13.81
N GLU A 66 6.01 -10.92 14.28
CA GLU A 66 4.68 -10.92 13.69
C GLU A 66 4.72 -10.43 12.24
N ARG A 67 5.48 -9.36 11.97
CA ARG A 67 5.61 -8.90 10.59
C ARG A 67 6.26 -9.95 9.69
N GLU A 68 7.31 -10.62 10.17
CA GLU A 68 7.93 -11.68 9.39
C GLU A 68 6.94 -12.80 9.12
N GLU A 69 6.14 -13.15 10.12
CA GLU A 69 5.15 -14.21 9.95
C GLU A 69 4.20 -13.89 8.82
N VAL A 70 3.74 -12.64 8.77
CA VAL A 70 2.81 -12.22 7.71
C VAL A 70 3.51 -12.27 6.36
N LEU A 71 4.75 -11.75 6.28
CA LEU A 71 5.47 -11.77 5.01
C LEU A 71 5.59 -13.19 4.47
N GLU A 72 5.93 -14.15 5.34
CA GLU A 72 6.18 -15.50 4.86
C GLU A 72 4.87 -16.17 4.41
N ILE A 73 3.78 -15.98 5.16
CA ILE A 73 2.48 -16.50 4.77
C ILE A 73 2.07 -15.95 3.40
N VAL A 74 2.18 -14.63 3.22
CA VAL A 74 1.74 -14.08 1.95
C VAL A 74 2.59 -14.61 0.80
N ALA A 75 3.90 -14.75 1.01
CA ALA A 75 4.73 -15.31 -0.05
C ALA A 75 4.31 -16.74 -0.37
N GLU A 76 3.92 -17.51 0.64
CA GLU A 76 3.50 -18.89 0.37
C GLU A 76 2.29 -18.93 -0.53
N GLU A 77 1.32 -18.03 -0.32
CA GLU A 77 0.12 -17.97 -1.16
C GLU A 77 0.36 -17.31 -2.53
N ALA A 78 1.32 -16.40 -2.64
CA ALA A 78 1.33 -15.47 -3.77
C ALA A 78 2.61 -15.45 -4.61
N LYS A 79 3.72 -16.02 -4.14
CA LYS A 79 4.93 -15.95 -4.93
C LYS A 79 4.70 -16.60 -6.30
N GLY A 80 5.16 -15.92 -7.35
CA GLY A 80 5.01 -16.43 -8.70
C GLY A 80 3.68 -16.13 -9.36
N LYS A 81 2.64 -15.80 -8.59
CA LYS A 81 1.35 -15.48 -9.16
C LYS A 81 1.18 -13.98 -9.39
N ILE A 82 1.52 -13.16 -8.39
CA ILE A 82 1.54 -11.72 -8.54
C ILE A 82 2.80 -11.15 -7.90
N THR A 83 3.10 -9.92 -8.29
CA THR A 83 4.21 -9.21 -7.70
C THR A 83 4.02 -9.08 -6.19
N LEU A 84 5.10 -9.30 -5.44
CA LEU A 84 5.10 -9.23 -3.98
C LEU A 84 6.06 -8.15 -3.53
N ILE A 85 5.54 -7.16 -2.80
CA ILE A 85 6.38 -6.09 -2.23
C ILE A 85 6.25 -6.15 -0.73
N ALA A 86 7.39 -6.19 -0.04
CA ALA A 86 7.43 -6.25 1.42
C ALA A 86 7.75 -4.87 1.99
N HIS A 87 6.84 -4.30 2.76
CA HIS A 87 7.19 -3.09 3.49
C HIS A 87 7.93 -3.51 4.76
N VAL A 88 9.24 -3.22 4.78
CA VAL A 88 10.13 -3.59 5.86
C VAL A 88 10.46 -2.41 6.77
N GLY A 89 9.91 -1.23 6.52
CA GLY A 89 10.35 -0.06 7.25
C GLY A 89 9.98 -0.08 8.72
N CYS A 90 10.94 0.31 9.54
CA CYS A 90 10.79 0.65 10.95
C CYS A 90 11.54 1.96 11.17
N VAL A 91 11.40 2.54 12.37
CA VAL A 91 12.28 3.65 12.73
C VAL A 91 13.73 3.18 12.75
N SER A 92 13.97 2.01 13.38
CA SER A 92 15.30 1.44 13.48
C SER A 92 15.81 0.93 12.14
N THR A 93 17.05 1.27 11.79
CA THR A 93 17.65 0.73 10.58
C THR A 93 17.89 -0.79 10.72
N ALA A 94 18.41 -1.20 11.86
CA ALA A 94 18.71 -2.63 12.07
C ALA A 94 17.44 -3.49 12.02
N GLU A 95 16.33 -3.01 12.59
CA GLU A 95 15.08 -3.74 12.49
C GLU A 95 14.61 -3.84 11.04
N SER A 96 14.70 -2.72 10.30
CA SER A 96 14.33 -2.72 8.89
C SER A 96 15.17 -3.70 8.09
N GLN A 97 16.47 -3.76 8.39
CA GLN A 97 17.37 -4.70 7.72
C GLN A 97 16.97 -6.14 8.00
N GLN A 98 16.55 -6.43 9.22
CA GLN A 98 16.12 -7.78 9.54
C GLN A 98 14.95 -8.19 8.67
N LEU A 99 13.96 -7.29 8.54
CA LEU A 99 12.77 -7.59 7.73
C LEU A 99 13.12 -7.67 6.25
N ALA A 100 14.05 -6.84 5.78
CA ALA A 100 14.48 -6.92 4.38
C ALA A 100 15.16 -8.26 4.10
N ALA A 101 16.05 -8.70 4.99
CA ALA A 101 16.69 -9.99 4.77
C ALA A 101 15.67 -11.13 4.77
N ALA A 102 14.65 -11.03 5.63
CA ALA A 102 13.58 -12.03 5.64
C ALA A 102 12.79 -12.02 4.33
N ALA A 103 12.40 -10.83 3.89
CA ALA A 103 11.67 -10.70 2.63
C ALA A 103 12.45 -11.35 1.49
N LYS A 104 13.77 -11.17 1.49
CA LYS A 104 14.60 -11.78 0.47
C LYS A 104 14.51 -13.29 0.58
N ARG A 105 14.64 -13.82 1.80
CA ARG A 105 14.57 -15.27 2.00
C ARG A 105 13.26 -15.84 1.49
N TYR A 106 12.16 -15.13 1.70
CA TYR A 106 10.83 -15.62 1.35
C TYR A 106 10.50 -15.43 -0.12
N GLY A 107 11.35 -14.77 -0.90
CA GLY A 107 11.13 -14.65 -2.32
C GLY A 107 10.35 -13.44 -2.76
N PHE A 108 10.37 -12.37 -1.99
CA PHE A 108 9.69 -11.15 -2.43
C PHE A 108 10.40 -10.54 -3.63
N ASP A 109 9.64 -9.76 -4.41
CA ASP A 109 10.14 -9.12 -5.61
C ASP A 109 10.72 -7.76 -5.33
N ALA A 110 10.34 -7.13 -4.23
CA ALA A 110 10.84 -5.81 -3.85
C ALA A 110 10.62 -5.62 -2.36
N VAL A 111 11.37 -4.67 -1.79
CA VAL A 111 11.12 -4.20 -0.44
C VAL A 111 10.76 -2.73 -0.53
N SER A 112 10.26 -2.21 0.58
CA SER A 112 9.83 -0.80 0.69
C SER A 112 10.05 -0.37 2.13
N ALA A 113 10.30 0.92 2.34
CA ALA A 113 10.46 1.41 3.69
C ALA A 113 9.95 2.83 3.79
N VAL A 114 9.05 3.09 4.75
CA VAL A 114 8.65 4.47 5.05
C VAL A 114 9.85 5.26 5.55
N THR A 115 9.88 6.57 5.23
CA THR A 115 10.92 7.39 5.81
C THR A 115 10.86 7.27 7.33
N PRO A 116 11.97 6.96 8.02
CA PRO A 116 11.90 6.79 9.47
C PRO A 116 11.41 8.04 10.18
N PHE A 117 10.56 7.85 11.18
CA PHE A 117 9.73 8.91 11.75
C PHE A 117 9.95 9.03 13.26
N TYR A 118 9.13 9.90 13.89
CA TYR A 118 9.18 10.28 15.30
C TYR A 118 10.40 11.15 15.61
N TYR A 119 11.58 10.58 15.55
CA TYR A 119 12.79 11.38 15.74
C TYR A 119 13.12 12.13 14.46
N PRO A 120 13.57 13.39 14.54
CA PRO A 120 14.07 14.06 13.32
C PRO A 120 15.41 13.46 12.91
N PHE A 121 15.52 13.13 11.63
CA PHE A 121 16.78 12.68 11.07
C PHE A 121 17.16 13.60 9.91
N SER A 122 18.46 13.78 9.71
CA SER A 122 18.93 14.56 8.58
C SER A 122 18.65 13.79 7.29
N PHE A 123 18.71 14.53 6.17
CA PHE A 123 18.50 13.88 4.89
C PHE A 123 19.58 12.84 4.64
N GLU A 124 20.83 13.14 5.01
CA GLU A 124 21.88 12.15 4.82
C GLU A 124 21.62 10.91 5.68
N GLU A 125 21.06 11.08 6.88
CA GLU A 125 20.70 9.92 7.71
C GLU A 125 19.60 9.11 7.04
N HIS A 126 18.62 9.77 6.40
CA HIS A 126 17.61 9.04 5.64
C HIS A 126 18.24 8.22 4.53
N CYS A 127 19.18 8.83 3.78
CA CYS A 127 19.78 8.15 2.64
C CYS A 127 20.56 6.93 3.12
N ASP A 128 21.33 7.08 4.20
CA ASP A 128 22.12 5.96 4.69
C ASP A 128 21.22 4.85 5.21
N HIS A 129 20.07 5.20 5.80
CA HIS A 129 19.06 4.22 6.21
C HIS A 129 18.59 3.38 5.01
N TYR A 130 18.22 4.03 3.91
CA TYR A 130 17.83 3.29 2.71
C TYR A 130 18.99 2.47 2.16
N ARG A 131 20.20 3.03 2.15
CA ARG A 131 21.34 2.28 1.63
C ARG A 131 21.54 0.99 2.43
N ALA A 132 21.43 1.06 3.77
CA ALA A 132 21.62 -0.13 4.60
C ALA A 132 20.56 -1.19 4.33
N ILE A 133 19.31 -0.76 4.17
CA ILE A 133 18.22 -1.70 3.90
C ILE A 133 18.41 -2.34 2.55
N ILE A 134 18.79 -1.53 1.55
CA ILE A 134 19.05 -2.05 0.21
C ILE A 134 20.13 -3.13 0.27
N ASP A 135 21.19 -2.91 1.06
CA ASP A 135 22.23 -3.92 1.17
C ASP A 135 21.67 -5.23 1.71
N SER A 136 20.86 -5.15 2.77
CA SER A 136 20.28 -6.35 3.38
C SER A 136 19.25 -7.02 2.48
N ALA A 137 18.60 -6.25 1.60
CA ALA A 137 17.67 -6.82 0.63
C ALA A 137 18.38 -7.69 -0.41
N ASP A 138 19.70 -7.55 -0.56
CA ASP A 138 20.51 -8.54 -1.28
C ASP A 138 20.00 -8.71 -2.71
N GLY A 139 19.77 -7.59 -3.39
CA GLY A 139 19.53 -7.59 -4.81
C GLY A 139 18.10 -7.43 -5.26
N ILE A 140 17.13 -7.35 -4.36
CA ILE A 140 15.78 -7.00 -4.79
C ILE A 140 15.58 -5.49 -4.60
N PRO A 141 14.85 -4.84 -5.50
CA PRO A 141 14.81 -3.38 -5.51
C PRO A 141 14.02 -2.79 -4.35
N MET A 142 14.32 -1.52 -4.06
CA MET A 142 13.68 -0.76 -2.99
C MET A 142 12.62 0.21 -3.55
N VAL A 143 11.48 0.25 -2.89
CA VAL A 143 10.46 1.27 -3.11
C VAL A 143 10.59 2.27 -1.96
N VAL A 144 10.96 3.52 -2.28
N VAL A 144 11.09 3.46 -2.30
CA VAL A 144 10.83 4.58 -1.28
CA VAL A 144 11.35 4.52 -1.33
C VAL A 144 9.35 4.89 -1.06
C VAL A 144 10.07 5.32 -1.13
N TYR A 145 8.96 5.04 0.21
N TYR A 145 10.01 6.07 -0.04
CA TYR A 145 7.57 5.29 0.61
CA TYR A 145 8.81 6.77 0.39
C TYR A 145 7.51 6.65 1.30
C TYR A 145 8.97 8.28 0.30
N ASN A 146 6.84 7.60 0.65
N ASN A 146 7.89 8.95 -0.08
CA ASN A 146 6.71 8.98 1.12
CA ASN A 146 7.73 10.39 0.10
C ASN A 146 5.27 9.23 1.56
C ASN A 146 6.35 10.55 0.72
N ILE A 147 5.08 9.52 2.84
N ILE A 147 6.30 10.76 2.03
CA ILE A 147 3.75 9.80 3.38
CA ILE A 147 5.03 10.79 2.76
C ILE A 147 3.89 10.92 4.41
C ILE A 147 5.06 11.89 3.80
N PRO A 148 4.09 12.16 3.96
N PRO A 148 4.24 12.94 3.65
CA PRO A 148 4.39 13.25 4.90
CA PRO A 148 4.24 13.99 4.68
C PRO A 148 3.31 13.48 5.96
C PRO A 148 3.27 13.81 5.84
N ALA A 149 2.04 13.34 5.59
CA ALA A 149 0.97 13.55 6.57
C ALA A 149 1.14 12.72 7.83
N LEU A 150 1.63 11.48 7.71
CA LEU A 150 1.79 10.59 8.85
C LEU A 150 3.22 10.52 9.38
N SER A 151 4.21 10.55 8.49
CA SER A 151 5.61 10.43 8.93
C SER A 151 6.12 11.73 9.56
N GLY A 152 5.53 12.87 9.21
CA GLY A 152 6.09 14.13 9.63
C GLY A 152 7.33 14.54 8.87
N VAL A 153 7.73 13.76 7.87
CA VAL A 153 8.95 14.01 7.10
C VAL A 153 8.55 14.78 5.83
N LYS A 154 9.17 15.94 5.62
CA LYS A 154 8.77 16.90 4.58
C LYS A 154 9.91 17.10 3.59
N LEU A 155 10.07 16.12 2.69
CA LEU A 155 11.17 16.12 1.73
C LEU A 155 10.92 17.11 0.60
N THR A 156 11.99 17.74 0.15
CA THR A 156 11.92 18.60 -1.02
C THR A 156 11.97 17.76 -2.29
N LEU A 157 11.60 18.40 -3.40
CA LEU A 157 11.73 17.72 -4.69
C LEU A 157 13.15 17.24 -4.91
N GLU A 158 14.14 18.11 -4.63
CA GLU A 158 15.54 17.73 -4.88
C GLU A 158 15.96 16.55 -4.01
N GLN A 159 15.44 16.48 -2.79
CA GLN A 159 15.71 15.31 -1.94
C GLN A 159 15.05 14.05 -2.49
N ILE A 160 13.82 14.16 -2.98
CA ILE A 160 13.18 13.01 -3.61
C ILE A 160 14.00 12.55 -4.81
N ASN A 161 14.51 13.50 -5.60
CA ASN A 161 15.32 13.14 -6.76
C ASN A 161 16.56 12.34 -6.35
N GLN A 162 17.20 12.74 -5.25
CA GLN A 162 18.36 11.98 -4.79
C GLN A 162 17.97 10.60 -4.28
N LEU A 163 16.83 10.48 -3.57
CA LEU A 163 16.44 9.17 -3.06
C LEU A 163 16.14 8.19 -4.19
N VAL A 164 15.42 8.65 -5.23
CA VAL A 164 15.00 7.71 -6.26
C VAL A 164 16.12 7.36 -7.20
N THR A 165 17.27 8.01 -7.09
CA THR A 165 18.44 7.64 -7.88
C THR A 165 19.51 6.94 -7.03
N LEU A 166 19.22 6.64 -5.77
CA LEU A 166 20.12 5.78 -5.01
C LEU A 166 20.25 4.42 -5.70
N PRO A 167 21.45 3.86 -5.78
CA PRO A 167 21.59 2.50 -6.32
C PRO A 167 20.69 1.52 -5.57
N GLY A 168 19.90 0.76 -6.32
CA GLY A 168 19.00 -0.21 -5.76
C GLY A 168 17.57 0.26 -5.59
N VAL A 169 17.28 1.55 -5.78
CA VAL A 169 15.93 2.04 -5.68
C VAL A 169 15.25 1.86 -7.03
N GLY A 170 14.09 1.21 -7.03
CA GLY A 170 13.38 1.01 -8.26
C GLY A 170 12.01 1.64 -8.37
N ALA A 171 11.56 2.36 -7.35
CA ALA A 171 10.21 2.91 -7.37
C ALA A 171 10.03 3.90 -6.23
N LEU A 172 8.97 4.71 -6.36
CA LEU A 172 8.56 5.65 -5.33
C LEU A 172 7.09 5.47 -5.06
N LYS A 173 6.73 5.27 -3.80
N LYS A 173 6.73 5.34 -3.79
CA LYS A 173 5.33 5.28 -3.36
CA LYS A 173 5.35 5.28 -3.33
C LYS A 173 5.06 6.70 -2.87
C LYS A 173 4.97 6.65 -2.80
N GLN A 174 4.26 7.43 -3.61
CA GLN A 174 4.04 8.86 -3.39
C GLN A 174 2.69 9.06 -2.74
N THR A 175 2.66 9.03 -1.41
CA THR A 175 1.42 9.28 -0.66
C THR A 175 1.41 10.77 -0.31
N SER A 176 1.16 11.54 -1.34
CA SER A 176 1.06 12.98 -1.23
C SER A 176 -0.01 13.46 -2.19
N GLY A 177 -0.76 14.46 -1.75
CA GLY A 177 -1.80 15.07 -2.54
C GLY A 177 -1.32 16.22 -3.42
N ASP A 178 -0.01 16.50 -3.41
CA ASP A 178 0.58 17.57 -4.21
C ASP A 178 0.86 17.05 -5.60
N LEU A 179 -0.07 17.31 -6.54
CA LEU A 179 0.08 16.76 -7.88
C LEU A 179 0.95 17.65 -8.78
N TYR A 180 1.33 18.84 -8.34
CA TYR A 180 2.43 19.53 -8.98
C TYR A 180 3.72 18.73 -8.78
N GLN A 181 4.00 18.35 -7.55
CA GLN A 181 5.19 17.54 -7.28
C GLN A 181 5.13 16.19 -8.01
N MET A 182 3.96 15.53 -8.05
CA MET A 182 3.85 14.29 -8.82
C MET A 182 4.27 14.50 -10.26
N GLU A 183 3.82 15.60 -10.88
CA GLU A 183 4.21 15.85 -12.27
C GLU A 183 5.69 16.15 -12.39
N GLN A 184 6.24 16.90 -11.41
CA GLN A 184 7.67 17.22 -11.47
C GLN A 184 8.53 15.97 -11.39
N ILE A 185 8.14 15.05 -10.52
CA ILE A 185 8.85 13.77 -10.36
C ILE A 185 8.81 12.98 -11.67
N ARG A 186 7.63 12.88 -12.28
CA ARG A 186 7.51 12.19 -13.56
C ARG A 186 8.35 12.86 -14.63
N ARG A 187 8.33 14.20 -14.71
CA ARG A 187 9.11 14.88 -15.72
C ARG A 187 10.60 14.67 -15.50
N ALA A 188 11.06 14.61 -14.25
CA ALA A 188 12.49 14.40 -13.99
C ALA A 188 12.91 12.95 -14.19
N HIS A 189 11.99 12.00 -14.03
CA HIS A 189 12.27 10.56 -14.05
C HIS A 189 11.28 9.85 -14.94
N PRO A 190 11.44 9.94 -16.26
CA PRO A 190 10.39 9.41 -17.17
C PRO A 190 10.17 7.91 -17.07
N GLU A 191 11.12 7.13 -16.57
CA GLU A 191 10.97 5.68 -16.47
C GLU A 191 10.66 5.19 -15.05
N LEU A 192 10.60 6.10 -14.09
CA LEU A 192 10.42 5.70 -12.69
C LEU A 192 9.05 5.07 -12.46
N VAL A 193 9.05 3.94 -11.74
CA VAL A 193 7.80 3.38 -11.24
C VAL A 193 7.29 4.28 -10.13
N LEU A 194 6.09 4.82 -10.31
CA LEU A 194 5.58 5.92 -9.47
C LEU A 194 4.16 5.57 -9.02
N TYR A 195 4.02 5.16 -7.75
CA TYR A 195 2.73 4.74 -7.22
C TYR A 195 1.98 5.91 -6.56
N ASN A 196 0.76 6.16 -7.03
CA ASN A 196 -0.15 7.05 -6.32
C ASN A 196 -0.60 6.42 -5.00
N GLY A 197 -0.42 7.17 -3.90
CA GLY A 197 -0.75 6.68 -2.56
C GLY A 197 -2.09 7.07 -1.96
N TYR A 198 -2.72 8.18 -2.40
CA TYR A 198 -4.03 8.56 -1.89
C TYR A 198 -5.12 8.10 -2.86
N ASP A 199 -5.86 7.04 -2.47
CA ASP A 199 -6.85 6.45 -3.35
C ASP A 199 -7.85 7.49 -3.87
N GLU A 200 -8.22 8.47 -3.03
CA GLU A 200 -9.24 9.46 -3.33
C GLU A 200 -8.86 10.43 -4.45
N ILE A 201 -7.62 10.37 -4.95
CA ILE A 201 -7.23 11.21 -6.09
C ILE A 201 -6.58 10.37 -7.18
N PHE A 202 -6.82 9.05 -7.15
CA PHE A 202 -6.16 8.12 -8.07
C PHE A 202 -6.21 8.58 -9.54
N ALA A 203 -7.40 8.88 -10.06
CA ALA A 203 -7.48 9.27 -11.46
C ALA A 203 -6.65 10.53 -11.74
N SER A 204 -6.73 11.51 -10.86
CA SER A 204 -5.97 12.75 -11.05
C SER A 204 -4.48 12.50 -10.89
N GLY A 205 -4.11 11.57 -10.00
CA GLY A 205 -2.71 11.27 -9.79
C GLY A 205 -2.08 10.57 -10.98
N LEU A 206 -2.81 9.61 -11.57
CA LEU A 206 -2.37 9.02 -12.82
C LEU A 206 -2.19 10.10 -13.88
N LEU A 207 -3.17 10.99 -14.03
CA LEU A 207 -3.06 12.02 -15.05
C LEU A 207 -1.82 12.90 -14.81
N ALA A 208 -1.48 13.14 -13.53
CA ALA A 208 -0.32 13.96 -13.20
C ALA A 208 1.01 13.23 -13.41
N GLY A 209 1.00 11.90 -13.51
CA GLY A 209 2.24 11.21 -13.84
C GLY A 209 2.44 9.86 -13.18
N ALA A 210 1.70 9.56 -12.12
CA ALA A 210 1.79 8.21 -11.56
C ALA A 210 1.45 7.17 -12.63
N ASP A 211 2.08 5.99 -12.55
CA ASP A 211 1.76 4.92 -13.49
C ASP A 211 1.19 3.70 -12.79
N GLY A 212 0.70 3.89 -11.57
CA GLY A 212 0.10 2.82 -10.79
C GLY A 212 -0.30 3.37 -9.45
N GLY A 213 -0.60 2.47 -8.52
CA GLY A 213 -1.01 2.90 -7.20
C GLY A 213 -0.89 1.78 -6.21
N ILE A 214 -0.68 2.15 -4.95
CA ILE A 214 -0.75 1.26 -3.81
C ILE A 214 -1.75 1.87 -2.85
N GLY A 215 -2.77 1.11 -2.46
CA GLY A 215 -3.90 1.68 -1.78
C GLY A 215 -4.63 0.72 -0.89
N SER A 216 -5.12 1.23 0.23
CA SER A 216 -5.84 0.40 1.18
C SER A 216 -7.22 0.00 0.64
N THR A 217 -7.91 0.89 -0.08
CA THR A 217 -9.26 0.56 -0.50
C THR A 217 -9.29 -0.39 -1.68
N TYR A 218 -8.12 -0.68 -2.29
CA TYR A 218 -8.10 -1.64 -3.37
C TYR A 218 -8.49 -3.03 -2.87
N ASN A 219 -8.40 -3.25 -1.55
CA ASN A 219 -8.75 -4.55 -1.00
C ASN A 219 -10.22 -4.88 -1.22
N ILE A 220 -11.09 -3.87 -1.38
CA ILE A 220 -12.52 -4.15 -1.51
C ILE A 220 -13.08 -3.80 -2.89
N MET A 221 -12.34 -3.10 -3.75
CA MET A 221 -12.87 -2.72 -5.04
C MET A 221 -11.76 -2.44 -6.06
N ALA A 222 -10.81 -3.38 -6.19
CA ALA A 222 -9.68 -3.15 -7.09
C ALA A 222 -10.12 -2.95 -8.53
N TRP A 223 -11.24 -3.58 -8.93
CA TRP A 223 -11.67 -3.49 -10.33
C TRP A 223 -11.98 -2.05 -10.72
N ARG A 224 -12.38 -1.22 -9.75
CA ARG A 224 -12.64 0.18 -10.07
C ARG A 224 -11.36 0.91 -10.39
N TYR A 225 -10.30 0.66 -9.64
CA TYR A 225 -9.01 1.30 -9.90
C TYR A 225 -8.38 0.77 -11.18
N LEU A 226 -8.46 -0.54 -11.40
CA LEU A 226 -8.05 -1.10 -12.69
C LEU A 226 -8.85 -0.47 -13.83
N GLY A 227 -10.14 -0.20 -13.57
CA GLY A 227 -10.98 0.42 -14.59
C GLY A 227 -10.60 1.86 -14.88
N ILE A 228 -10.14 2.59 -13.86
CA ILE A 228 -9.64 3.96 -14.09
C ILE A 228 -8.38 3.94 -14.94
N VAL A 229 -7.46 3.01 -14.65
CA VAL A 229 -6.27 2.85 -15.48
C VAL A 229 -6.68 2.65 -16.93
N GLN A 230 -7.61 1.71 -17.16
CA GLN A 230 -8.04 1.38 -18.51
C GLN A 230 -8.72 2.57 -19.18
N ALA A 231 -9.59 3.26 -18.45
CA ALA A 231 -10.32 4.38 -19.02
C ALA A 231 -9.37 5.48 -19.48
N LEU A 232 -8.37 5.80 -18.67
CA LEU A 232 -7.45 6.86 -19.09
C LEU A 232 -6.59 6.40 -20.26
N LYS A 233 -6.22 5.10 -20.29
CA LYS A 233 -5.49 4.59 -21.43
C LYS A 233 -6.33 4.66 -22.70
N GLU A 234 -7.63 4.40 -22.59
CA GLU A 234 -8.54 4.41 -23.73
C GLU A 234 -8.98 5.81 -24.13
N GLY A 235 -8.74 6.81 -23.29
CA GLY A 235 -9.26 8.14 -23.55
C GLY A 235 -10.70 8.34 -23.16
N ASP A 236 -11.20 7.59 -22.16
CA ASP A 236 -12.57 7.74 -21.69
C ASP A 236 -12.52 8.56 -20.40
N THR A 237 -12.41 9.88 -20.60
CA THR A 237 -12.33 10.82 -19.49
C THR A 237 -13.51 10.67 -18.55
N ALA A 238 -14.71 10.65 -19.10
CA ALA A 238 -15.91 10.63 -18.28
C ALA A 238 -15.98 9.34 -17.45
N LYS A 239 -15.53 8.23 -18.03
CA LYS A 239 -15.61 6.96 -17.29
C LYS A 239 -14.64 6.95 -16.11
N ALA A 240 -13.42 7.46 -16.33
CA ALA A 240 -12.49 7.60 -15.21
C ALA A 240 -13.07 8.49 -14.12
N GLN A 241 -13.74 9.60 -14.49
CA GLN A 241 -14.35 10.47 -13.49
C GLN A 241 -15.48 9.77 -12.75
N GLN A 242 -16.32 9.04 -13.49
N GLN A 242 -16.32 9.03 -13.46
CA GLN A 242 -17.42 8.30 -12.89
CA GLN A 242 -17.43 8.37 -12.77
C GLN A 242 -16.90 7.28 -11.89
C GLN A 242 -16.92 7.26 -11.87
N LEU A 243 -15.86 6.55 -12.27
CA LEU A 243 -15.30 5.54 -11.38
C LEU A 243 -14.72 6.18 -10.13
N GLN A 244 -13.99 7.29 -10.27
CA GLN A 244 -13.40 7.95 -9.11
C GLN A 244 -14.49 8.49 -8.20
N HIS A 245 -15.54 9.04 -8.80
CA HIS A 245 -16.74 9.47 -8.08
C HIS A 245 -17.26 8.34 -7.17
N GLU A 246 -17.42 7.14 -7.73
CA GLU A 246 -17.93 6.04 -6.93
C GLU A 246 -16.93 5.59 -5.86
N CYS A 247 -15.64 5.56 -6.19
CA CYS A 247 -14.61 5.31 -5.18
C CYS A 247 -14.71 6.29 -4.02
N ASN A 248 -14.92 7.56 -4.31
CA ASN A 248 -14.87 8.54 -3.24
C ASN A 248 -16.14 8.52 -2.39
N LYS A 249 -17.26 8.07 -2.96
CA LYS A 249 -18.42 7.84 -2.12
C LYS A 249 -18.09 6.80 -1.06
N VAL A 250 -17.33 5.78 -1.46
CA VAL A 250 -16.92 4.73 -0.53
C VAL A 250 -15.89 5.27 0.46
N ILE A 251 -14.91 6.03 -0.03
CA ILE A 251 -13.89 6.58 0.87
C ILE A 251 -14.52 7.54 1.88
N ASP A 252 -15.50 8.35 1.46
CA ASP A 252 -16.20 9.20 2.42
C ASP A 252 -16.72 8.37 3.60
N LEU A 253 -17.34 7.22 3.29
CA LEU A 253 -17.93 6.37 4.33
C LEU A 253 -16.84 5.75 5.19
N LEU A 254 -15.75 5.27 4.57
CA LEU A 254 -14.66 4.68 5.32
C LEU A 254 -14.02 5.70 6.24
N VAL A 255 -13.90 6.96 5.80
CA VAL A 255 -13.30 7.94 6.70
C VAL A 255 -14.19 8.17 7.90
N LYS A 256 -15.51 8.13 7.70
CA LYS A 256 -16.44 8.36 8.80
C LYS A 256 -16.34 7.22 9.82
N VAL A 257 -16.29 5.99 9.34
CA VAL A 257 -16.32 4.85 10.26
C VAL A 257 -14.94 4.47 10.78
N GLY A 258 -13.87 4.93 10.14
CA GLY A 258 -12.50 4.51 10.43
C GLY A 258 -12.04 3.60 9.31
N VAL A 259 -10.96 3.97 8.61
CA VAL A 259 -10.69 3.35 7.31
C VAL A 259 -10.33 1.87 7.44
N PHE A 260 -9.30 1.55 8.22
CA PHE A 260 -8.87 0.14 8.24
C PHE A 260 -9.99 -0.77 8.73
N ARG A 261 -10.63 -0.42 9.85
CA ARG A 261 -11.69 -1.26 10.38
C ARG A 261 -12.91 -1.26 9.48
N GLY A 262 -13.19 -0.16 8.77
CA GLY A 262 -14.28 -0.22 7.82
C GLY A 262 -14.00 -1.17 6.67
N LEU A 263 -12.76 -1.15 6.18
CA LEU A 263 -12.37 -2.07 5.11
C LEU A 263 -12.48 -3.51 5.60
N LYS A 264 -11.95 -3.78 6.78
CA LYS A 264 -12.03 -5.14 7.31
C LYS A 264 -13.47 -5.58 7.52
N THR A 265 -14.35 -4.64 7.91
CA THR A 265 -15.75 -5.00 8.10
C THR A 265 -16.42 -5.31 6.78
N VAL A 266 -16.16 -4.51 5.74
CA VAL A 266 -16.71 -4.82 4.43
C VAL A 266 -16.22 -6.20 3.99
N LEU A 267 -14.93 -6.48 4.19
CA LEU A 267 -14.40 -7.78 3.79
C LEU A 267 -15.05 -8.92 4.56
N HIS A 268 -15.37 -8.70 5.84
CA HIS A 268 -16.07 -9.71 6.62
C HIS A 268 -17.46 -9.97 6.06
N TYR A 269 -18.15 -8.91 5.62
CA TYR A 269 -19.47 -9.09 5.01
C TYR A 269 -19.39 -9.67 3.60
N MET A 270 -18.22 -9.64 2.98
CA MET A 270 -17.96 -10.33 1.73
C MET A 270 -17.48 -11.76 1.96
N ASP A 271 -17.42 -12.19 3.22
CA ASP A 271 -17.00 -13.56 3.57
C ASP A 271 -15.51 -13.79 3.29
N VAL A 272 -14.72 -12.74 3.31
CA VAL A 272 -13.26 -12.85 3.13
C VAL A 272 -12.54 -13.00 4.47
N LEU A 273 -12.88 -12.17 5.45
CA LEU A 273 -12.27 -12.19 6.77
C LEU A 273 -13.29 -12.70 7.80
N SER A 274 -12.82 -13.59 8.70
CA SER A 274 -13.69 -14.12 9.75
C SER A 274 -13.98 -13.07 10.82
N VAL A 275 -13.02 -12.20 11.12
CA VAL A 275 -13.12 -11.23 12.22
C VAL A 275 -12.56 -9.89 11.78
N PRO A 276 -13.33 -8.79 11.91
CA PRO A 276 -12.87 -7.55 11.29
C PRO A 276 -12.15 -6.57 12.22
N LEU A 277 -11.57 -7.05 13.32
CA LEU A 277 -10.98 -6.14 14.29
C LEU A 277 -9.62 -5.59 13.87
N CYS A 278 -9.37 -4.35 14.29
CA CYS A 278 -8.04 -3.76 14.30
C CYS A 278 -7.47 -3.92 15.69
N ARG A 279 -6.16 -3.72 15.83
CA ARG A 279 -5.54 -3.76 17.13
C ARG A 279 -5.71 -2.46 17.88
N LYS A 280 -5.82 -2.57 19.20
CA LYS A 280 -5.88 -1.37 20.05
C LYS A 280 -4.58 -0.58 19.90
N PRO A 281 -4.65 0.77 19.87
CA PRO A 281 -5.81 1.54 20.33
C PRO A 281 -6.94 1.80 19.33
N PHE A 282 -6.96 1.23 18.12
CA PHE A 282 -8.16 1.33 17.29
C PHE A 282 -9.34 0.70 18.00
N ALA A 283 -10.43 1.44 18.11
CA ALA A 283 -11.68 0.90 18.61
C ALA A 283 -12.39 0.07 17.56
N PRO A 284 -13.32 -0.80 17.99
CA PRO A 284 -14.22 -1.44 17.03
C PRO A 284 -15.12 -0.42 16.33
N VAL A 285 -15.70 -0.86 15.23
CA VAL A 285 -16.71 -0.06 14.53
C VAL A 285 -17.91 0.18 15.43
N GLU A 286 -18.46 1.40 15.38
CA GLU A 286 -19.69 1.66 16.10
C GLU A 286 -20.85 0.91 15.46
N ASP A 287 -21.76 0.40 16.30
CA ASP A 287 -22.89 -0.36 15.82
C ASP A 287 -23.72 0.40 14.78
N LYS A 288 -23.84 1.72 14.93
CA LYS A 288 -24.72 2.45 14.03
C LYS A 288 -24.24 2.45 12.58
N PHE A 289 -22.98 2.09 12.33
CA PHE A 289 -22.45 2.06 10.97
C PHE A 289 -22.57 0.70 10.30
N GLN A 290 -22.98 -0.34 11.02
CA GLN A 290 -22.91 -1.69 10.46
C GLN A 290 -23.82 -1.85 9.25
N ALA A 291 -25.03 -1.29 9.30
CA ALA A 291 -25.97 -1.44 8.19
C ALA A 291 -25.38 -0.89 6.90
N GLU A 292 -24.81 0.32 6.95
CA GLU A 292 -24.19 0.93 5.77
C GLU A 292 -23.03 0.08 5.24
N LEU A 293 -22.23 -0.47 6.14
CA LEU A 293 -21.08 -1.26 5.70
C LEU A 293 -21.52 -2.58 5.07
N LYS A 294 -22.55 -3.21 5.64
CA LYS A 294 -23.08 -4.43 5.04
C LYS A 294 -23.74 -4.14 3.70
N ALA A 295 -24.47 -3.03 3.60
CA ALA A 295 -25.06 -2.67 2.32
C ALA A 295 -23.98 -2.43 1.27
N LEU A 296 -22.87 -1.80 1.66
CA LEU A 296 -21.76 -1.56 0.74
C LEU A 296 -21.17 -2.89 0.26
N ALA A 297 -20.93 -3.81 1.20
CA ALA A 297 -20.45 -5.13 0.78
C ALA A 297 -21.39 -5.76 -0.23
N GLN A 298 -22.70 -5.70 0.03
CA GLN A 298 -23.66 -6.27 -0.90
C GLN A 298 -23.58 -5.59 -2.26
N GLN A 299 -23.49 -4.25 -2.26
CA GLN A 299 -23.39 -3.49 -3.50
C GLN A 299 -22.16 -3.90 -4.30
N LEU A 300 -21.02 -4.01 -3.62
CA LEU A 300 -19.77 -4.30 -4.33
C LEU A 300 -19.78 -5.70 -4.90
N MET A 301 -20.34 -6.67 -4.17
CA MET A 301 -20.42 -8.02 -4.71
C MET A 301 -21.33 -8.07 -5.92
N GLN A 302 -22.43 -7.30 -5.90
CA GLN A 302 -23.34 -7.31 -7.05
C GLN A 302 -22.69 -6.64 -8.26
N GLU A 303 -21.92 -5.57 -8.00
CA GLU A 303 -21.29 -4.83 -9.09
C GLU A 303 -20.29 -5.67 -9.87
N ARG A 304 -19.70 -6.68 -9.23
CA ARG A 304 -18.85 -7.62 -9.95
C ARG A 304 -19.67 -8.54 -10.85
NA NA B . 2.71 -7.63 -11.44
CL CL C . 7.18 -2.92 13.82
CL CL D . 6.87 2.63 15.84
I IOD E . -9.10 -19.44 0.35
I IOD F . 0.59 1.16 3.46
C PYR G . 0.25 1.54 2.99
O PYR G . -0.86 1.36 3.52
OXT PYR G . 1.38 1.25 3.45
CA PYR G . 0.26 2.25 1.60
CB PYR G . -1.10 2.52 0.99
C1 GOL H . 0.78 24.52 -5.24
O1 GOL H . 1.74 24.25 -6.23
C2 GOL H . 0.36 23.18 -4.67
O2 GOL H . -0.48 23.38 -3.55
C3 GOL H . -0.31 22.39 -5.76
O3 GOL H . -0.66 21.15 -5.18
C1 GOL I . 14.59 16.15 7.32
O1 GOL I . 15.48 15.27 6.69
C2 GOL I . 14.03 17.07 6.25
O2 GOL I . 12.86 16.49 5.72
C3 GOL I . 15.06 17.27 5.15
O3 GOL I . 16.26 17.75 5.73
C1 GOL J . 5.26 -19.09 9.72
O1 GOL J . 4.94 -17.88 9.09
C2 GOL J . 5.78 -20.07 8.67
O2 GOL J . 6.82 -20.83 9.25
C3 GOL J . 4.64 -20.96 8.19
O3 GOL J . 3.83 -20.19 7.34
C1 GOL K . -0.09 8.18 -17.52
O1 GOL K . 0.54 8.71 -16.38
C2 GOL K . -1.29 7.33 -17.13
O2 GOL K . -0.91 6.31 -16.22
C3 GOL K . -1.88 6.77 -18.43
O3 GOL K . -3.21 7.21 -18.53
#